data_4AGV
#
_entry.id   4AGV
#
_cell.length_a   38.960
_cell.length_b   66.510
_cell.length_c   71.550
_cell.angle_alpha   117.07
_cell.angle_beta   95.39
_cell.angle_gamma   99.56
#
_symmetry.space_group_name_H-M   'P 1'
#
loop_
_entity.id
_entity.type
_entity.pdbx_description
1 polymer GALECTIN
2 water water
#
_entity_poly.entity_id   1
_entity_poly.type   'polypeptide(L)'
_entity_poly.pdbx_seq_one_letter_code
;VGPIQSIKVDPMKSGGLGVVYRSPDKGRVSLYLYNDGEDILLVVDARFDWRGEQNVLVLNSKFAGGEWGPEVRPEGFPFP
CCGYVTTITVRVEIGADGFTLSANGIEIVKYPYRDGLPPPVTKFQYVFQDQGASETAQLESLSAYY
;
_entity_poly.pdbx_strand_id   A,B,C,D
#
# COMPACT_ATOMS: atom_id res chain seq x y z
N PRO A 3 -12.09 14.30 -16.35
CA PRO A 3 -12.49 15.25 -15.29
C PRO A 3 -13.65 14.73 -14.45
N ILE A 4 -14.44 13.79 -15.02
CA ILE A 4 -15.56 13.11 -14.35
C ILE A 4 -15.46 11.59 -14.63
N GLN A 5 -15.47 10.78 -13.56
CA GLN A 5 -15.31 9.32 -13.66
C GLN A 5 -16.03 8.66 -12.50
N SER A 6 -16.60 7.48 -12.72
CA SER A 6 -17.41 6.78 -11.69
C SER A 6 -17.40 5.27 -11.82
N ILE A 7 -17.66 4.59 -10.71
CA ILE A 7 -17.86 3.15 -10.73
C ILE A 7 -19.28 2.85 -10.27
N LYS A 8 -19.98 1.93 -10.96
CA LYS A 8 -21.35 1.55 -10.63
C LYS A 8 -21.37 0.17 -10.00
N VAL A 9 -21.76 0.08 -8.74
CA VAL A 9 -21.65 -1.16 -7.99
C VAL A 9 -22.99 -1.88 -7.82
N ASP A 10 -22.91 -3.17 -7.48
CA ASP A 10 -24.03 -3.92 -6.95
C ASP A 10 -24.46 -3.21 -5.66
N PRO A 11 -25.77 -3.05 -5.42
CA PRO A 11 -26.19 -2.29 -4.23
C PRO A 11 -25.38 -2.67 -2.99
N MET A 12 -24.97 -1.66 -2.23
CA MET A 12 -23.95 -1.84 -1.22
C MET A 12 -24.45 -1.29 0.10
N LYS A 13 -24.41 -2.11 1.14
CA LYS A 13 -24.95 -1.74 2.43
C LYS A 13 -23.87 -1.83 3.51
N SER A 14 -22.64 -1.95 3.07
CA SER A 14 -21.54 -2.36 3.91
C SER A 14 -20.33 -2.20 3.04
N GLY A 15 -19.15 -2.39 3.62
CA GLY A 15 -17.90 -2.12 2.94
C GLY A 15 -17.64 -0.64 2.98
N GLY A 16 -17.01 -0.13 1.92
CA GLY A 16 -16.63 1.28 1.84
C GLY A 16 -16.17 1.60 0.44
N LEU A 17 -15.85 2.87 0.18
CA LEU A 17 -15.37 3.32 -1.13
C LEU A 17 -14.10 4.19 -1.02
N GLY A 18 -13.17 4.03 -1.94
CA GLY A 18 -11.95 4.84 -1.91
C GLY A 18 -11.65 5.50 -3.23
N VAL A 19 -11.14 6.73 -3.16
CA VAL A 19 -10.58 7.42 -4.31
C VAL A 19 -9.16 7.84 -3.96
N VAL A 20 -8.31 7.97 -4.97
CA VAL A 20 -7.00 8.61 -4.82
C VAL A 20 -6.77 9.54 -6.03
N TYR A 21 -6.43 10.79 -5.75
CA TYR A 21 -6.23 11.74 -6.83
C TYR A 21 -5.16 12.80 -6.49
N ARG A 22 -4.58 13.41 -7.50
CA ARG A 22 -3.70 14.54 -7.19
C ARG A 22 -4.46 15.87 -7.20
N SER A 23 -4.48 16.54 -6.05
CA SER A 23 -5.24 17.78 -5.79
C SER A 23 -4.83 18.94 -6.67
N PRO A 24 -5.73 19.92 -6.83
CA PRO A 24 -5.36 21.07 -7.63
C PRO A 24 -5.09 22.28 -6.75
N ASP A 25 -4.49 23.32 -7.32
CA ASP A 25 -4.29 24.57 -6.59
C ASP A 25 -5.60 25.33 -6.53
N LYS A 26 -6.40 25.23 -7.57
CA LYS A 26 -7.67 25.94 -7.59
C LYS A 26 -8.81 25.05 -8.06
N GLY A 27 -10.04 25.40 -7.67
CA GLY A 27 -11.23 24.63 -8.04
C GLY A 27 -11.86 23.84 -6.90
N ARG A 28 -12.52 22.74 -7.25
CA ARG A 28 -13.09 21.85 -6.25
C ARG A 28 -13.21 20.41 -6.75
N VAL A 29 -13.01 19.46 -5.83
CA VAL A 29 -13.19 18.02 -6.10
C VAL A 29 -14.40 17.45 -5.33
N SER A 30 -15.37 16.93 -6.06
CA SER A 30 -16.58 16.35 -5.47
C SER A 30 -16.70 14.82 -5.65
N LEU A 31 -17.12 14.15 -4.60
CA LEU A 31 -17.31 12.70 -4.59
C LEU A 31 -18.76 12.49 -4.22
N TYR A 32 -19.52 11.89 -5.12
CA TYR A 32 -20.95 11.71 -4.91
C TYR A 32 -21.28 10.25 -4.69
N LEU A 33 -22.08 9.99 -3.67
CA LEU A 33 -22.67 8.68 -3.51
C LEU A 33 -24.17 8.69 -3.94
N TYR A 34 -24.54 7.85 -4.91
CA TYR A 34 -25.92 7.80 -5.45
C TYR A 34 -26.59 6.46 -5.19
N ASN A 35 -27.90 6.48 -4.92
CA ASN A 35 -28.72 5.27 -5.10
C ASN A 35 -29.21 5.14 -6.55
N ASP A 36 -30.10 4.18 -6.77
CA ASP A 36 -30.61 3.90 -8.11
C ASP A 36 -31.48 5.05 -8.64
N GLY A 37 -32.28 5.63 -7.75
CA GLY A 37 -33.14 6.75 -8.08
C GLY A 37 -32.39 8.07 -8.17
N GLU A 38 -31.06 8.01 -8.13
CA GLU A 38 -30.20 9.19 -8.35
C GLU A 38 -30.30 10.21 -7.21
N ASP A 39 -30.58 9.73 -6.01
CA ASP A 39 -30.51 10.56 -4.82
C ASP A 39 -29.07 10.72 -4.42
N ILE A 40 -28.75 11.86 -3.86
CA ILE A 40 -27.41 12.05 -3.37
C ILE A 40 -27.45 11.75 -1.89
N LEU A 41 -27.00 10.53 -1.59
CA LEU A 41 -26.93 10.06 -0.21
C LEU A 41 -25.84 10.83 0.51
N LEU A 42 -24.82 11.26 -0.22
CA LEU A 42 -23.76 12.09 0.37
C LEU A 42 -22.81 12.59 -0.71
N VAL A 43 -22.48 13.88 -0.63
CA VAL A 43 -21.34 14.44 -1.36
C VAL A 43 -20.29 14.93 -0.37
N VAL A 44 -19.04 14.54 -0.57
CA VAL A 44 -17.95 15.21 0.12
C VAL A 44 -17.39 16.19 -0.92
N ASP A 45 -17.50 17.47 -0.58
CA ASP A 45 -17.15 18.55 -1.49
C ASP A 45 -15.94 19.29 -0.92
N ALA A 46 -14.79 19.08 -1.54
CA ALA A 46 -13.54 19.62 -1.04
C ALA A 46 -13.17 20.84 -1.86
N ARG A 47 -13.30 22.02 -1.23
CA ARG A 47 -13.03 23.28 -1.93
C ARG A 47 -11.63 23.81 -1.64
N PHE A 48 -10.84 23.89 -2.69
CA PHE A 48 -9.50 24.46 -2.66
C PHE A 48 -9.57 25.97 -2.93
N ASP A 49 -9.99 26.36 -4.13
CA ASP A 49 -10.45 27.71 -4.39
C ASP A 49 -11.74 27.63 -5.22
N TRP A 50 -12.88 27.70 -4.53
CA TRP A 50 -14.19 27.66 -5.18
C TRP A 50 -15.08 28.79 -4.72
N ARG A 51 -15.33 29.74 -5.64
CA ARG A 51 -16.35 30.80 -5.45
C ARG A 51 -16.16 31.62 -4.18
N GLY A 52 -14.96 32.16 -3.99
CA GLY A 52 -14.68 32.96 -2.81
C GLY A 52 -14.47 32.18 -1.51
N GLU A 53 -14.43 30.85 -1.61
CA GLU A 53 -14.07 30.01 -0.46
C GLU A 53 -12.78 29.27 -0.75
N GLN A 54 -11.86 29.30 0.22
CA GLN A 54 -10.59 28.57 0.12
C GLN A 54 -10.47 27.54 1.23
N ASN A 55 -10.02 26.34 0.88
CA ASN A 55 -9.71 25.30 1.87
C ASN A 55 -10.85 25.07 2.85
N VAL A 56 -12.00 24.73 2.27
CA VAL A 56 -13.22 24.36 3.02
C VAL A 56 -13.77 23.00 2.54
N LEU A 57 -14.25 22.20 3.48
CA LEU A 57 -14.83 20.88 3.17
C LEU A 57 -16.31 20.88 3.52
N VAL A 58 -17.15 20.44 2.58
CA VAL A 58 -18.60 20.43 2.82
C VAL A 58 -19.17 19.02 2.65
N LEU A 59 -19.99 18.58 3.61
CA LEU A 59 -20.83 17.41 3.37
C LEU A 59 -22.29 17.82 3.34
N ASN A 60 -23.09 17.17 2.49
CA ASN A 60 -24.56 17.37 2.46
C ASN A 60 -25.29 16.19 1.77
N SER A 61 -26.61 16.32 1.59
CA SER A 61 -27.43 15.31 0.88
C SER A 61 -28.70 15.88 0.21
N LYS A 62 -29.36 15.08 -0.62
CA LYS A 62 -30.32 15.63 -1.56
C LYS A 62 -31.10 14.54 -2.28
N PHE A 63 -32.43 14.63 -2.23
CA PHE A 63 -33.26 13.81 -3.10
C PHE A 63 -33.07 14.33 -4.52
N ALA A 64 -33.17 13.45 -5.51
CA ALA A 64 -33.18 13.87 -6.91
C ALA A 64 -34.19 15.04 -7.13
N GLY A 65 -33.70 16.18 -7.61
CA GLY A 65 -34.55 17.38 -7.82
C GLY A 65 -35.27 17.87 -6.57
N GLY A 66 -34.50 18.22 -5.54
CA GLY A 66 -35.02 18.69 -4.26
C GLY A 66 -33.91 19.44 -3.56
N GLU A 67 -34.18 19.96 -2.38
CA GLU A 67 -33.22 20.84 -1.68
C GLU A 67 -32.10 20.11 -0.94
N TRP A 68 -30.90 20.73 -0.96
CA TRP A 68 -29.77 20.31 -0.09
C TRP A 68 -30.13 20.52 1.34
N GLY A 69 -29.75 19.60 2.22
CA GLY A 69 -29.97 19.80 3.66
C GLY A 69 -29.12 20.92 4.28
N PRO A 70 -28.99 20.93 5.62
CA PRO A 70 -27.95 21.68 6.34
C PRO A 70 -26.54 21.23 5.97
N GLU A 71 -25.66 22.18 5.62
CA GLU A 71 -24.24 21.92 5.32
C GLU A 71 -23.50 21.48 6.58
N VAL A 72 -22.71 20.41 6.48
CA VAL A 72 -21.71 20.14 7.53
C VAL A 72 -20.31 20.56 7.10
N ARG A 73 -19.68 21.41 7.91
CA ARG A 73 -18.31 21.93 7.70
C ARG A 73 -17.28 21.44 8.74
N PRO A 74 -16.71 20.24 8.53
CA PRO A 74 -15.74 19.69 9.48
C PRO A 74 -14.37 20.30 9.32
N GLU A 75 -13.52 20.12 10.33
CA GLU A 75 -12.11 20.53 10.29
C GLU A 75 -11.25 19.30 10.14
N GLY A 76 -10.04 19.47 9.64
CA GLY A 76 -9.09 18.38 9.66
C GLY A 76 -8.66 17.95 8.28
N PHE A 77 -9.38 18.41 7.25
CA PHE A 77 -9.08 17.92 5.90
C PHE A 77 -7.71 18.40 5.44
N PRO A 78 -6.85 17.46 4.97
CA PRO A 78 -5.49 17.81 4.51
C PRO A 78 -5.45 18.70 3.27
N PHE A 79 -5.91 19.95 3.41
CA PHE A 79 -5.67 20.96 2.38
C PHE A 79 -4.19 21.33 2.49
N PRO A 80 -3.48 21.43 1.35
CA PRO A 80 -2.10 21.90 1.48
C PRO A 80 -2.00 23.42 1.45
N CYS A 81 -0.99 23.99 2.11
CA CYS A 81 -0.81 25.42 2.19
C CYS A 81 -0.27 25.95 0.86
N CYS A 82 -0.32 27.28 0.70
CA CYS A 82 0.61 28.00 -0.18
C CYS A 82 0.47 27.67 -1.66
N GLY A 83 -0.68 27.16 -2.07
CA GLY A 83 -0.92 26.89 -3.48
C GLY A 83 -0.33 25.57 -3.90
N TYR A 84 -0.01 24.72 -2.92
CA TYR A 84 0.65 23.44 -3.19
C TYR A 84 -0.31 22.33 -3.52
N VAL A 85 0.11 21.42 -4.40
CA VAL A 85 -0.68 20.23 -4.68
C VAL A 85 -0.04 18.97 -4.09
N THR A 86 -0.85 18.01 -3.64
CA THR A 86 -0.31 16.71 -3.20
C THR A 86 -1.18 15.48 -3.61
N THR A 87 -0.78 14.26 -3.25
CA THR A 87 -1.65 13.10 -3.48
C THR A 87 -2.66 12.88 -2.34
N ILE A 88 -3.95 13.07 -2.61
CA ILE A 88 -5.01 12.83 -1.61
C ILE A 88 -5.63 11.44 -1.73
N THR A 89 -5.86 10.83 -0.57
CA THR A 89 -6.45 9.52 -0.47
C THR A 89 -7.57 9.61 0.53
N VAL A 90 -8.77 9.23 0.08
CA VAL A 90 -10.02 9.33 0.86
C VAL A 90 -10.74 7.96 1.00
N ARG A 91 -11.34 7.74 2.17
CA ARG A 91 -12.19 6.58 2.38
C ARG A 91 -13.58 6.97 2.92
N VAL A 92 -14.65 6.45 2.31
CA VAL A 92 -16.02 6.62 2.83
C VAL A 92 -16.52 5.24 3.25
N GLU A 93 -16.54 4.92 4.53
CA GLU A 93 -17.03 3.63 4.97
C GLU A 93 -18.53 3.76 5.25
N ILE A 94 -19.30 2.77 4.79
CA ILE A 94 -20.76 2.71 4.91
C ILE A 94 -21.22 1.97 6.20
N GLY A 95 -21.38 2.71 7.31
CA GLY A 95 -21.68 2.07 8.59
C GLY A 95 -23.15 1.74 8.71
N ALA A 96 -23.56 1.30 9.89
CA ALA A 96 -24.99 1.03 10.09
C ALA A 96 -25.81 2.31 10.16
N ASP A 97 -25.25 3.36 10.78
CA ASP A 97 -25.99 4.62 11.10
C ASP A 97 -25.58 5.84 10.29
N GLY A 98 -24.41 5.75 9.64
CA GLY A 98 -23.92 6.85 8.83
C GLY A 98 -22.67 6.45 8.09
N PHE A 99 -22.17 7.38 7.27
CA PHE A 99 -20.86 7.27 6.64
C PHE A 99 -19.77 7.72 7.60
N THR A 100 -18.56 7.24 7.35
CA THR A 100 -17.40 7.69 8.09
C THR A 100 -16.41 8.14 7.05
N LEU A 101 -15.94 9.36 7.19
CA LEU A 101 -15.04 9.90 6.20
C LEU A 101 -13.60 9.96 6.73
N SER A 102 -12.69 9.31 6.02
CA SER A 102 -11.27 9.32 6.35
C SER A 102 -10.54 9.96 5.20
N ALA A 103 -9.53 10.76 5.53
CA ALA A 103 -8.53 11.25 4.56
C ALA A 103 -7.16 10.85 5.05
N ASN A 104 -6.30 10.43 4.12
CA ASN A 104 -4.98 9.88 4.42
C ASN A 104 -4.83 9.18 5.79
N GLY A 105 -5.65 8.17 6.04
CA GLY A 105 -5.50 7.27 7.20
C GLY A 105 -5.88 7.85 8.56
N ILE A 106 -6.42 9.08 8.53
CA ILE A 106 -6.87 9.83 9.72
C ILE A 106 -8.37 10.06 9.55
N GLU A 107 -9.16 9.77 10.58
CA GLU A 107 -10.61 9.96 10.47
C GLU A 107 -11.04 11.42 10.67
N ILE A 108 -11.89 11.90 9.76
CA ILE A 108 -12.30 13.29 9.69
C ILE A 108 -13.68 13.54 10.33
N VAL A 109 -14.66 12.69 10.02
CA VAL A 109 -16.06 12.85 10.52
C VAL A 109 -17.00 11.62 10.36
N LYS A 110 -17.92 11.47 11.30
CA LYS A 110 -19.03 10.53 11.20
C LYS A 110 -20.29 11.29 10.81
N TYR A 111 -20.90 10.91 9.71
CA TYR A 111 -22.06 11.65 9.18
C TYR A 111 -23.30 10.77 9.17
N PRO A 112 -24.17 10.87 10.22
CA PRO A 112 -25.35 9.97 10.26
C PRO A 112 -26.24 10.17 9.03
N TYR A 113 -26.75 9.08 8.43
CA TYR A 113 -27.65 9.19 7.25
C TYR A 113 -28.74 10.25 7.44
N ARG A 114 -28.97 11.04 6.39
CA ARG A 114 -30.05 12.04 6.42
C ARG A 114 -31.42 11.36 6.28
N ASP A 115 -32.50 12.06 6.64
CA ASP A 115 -33.85 11.44 6.62
C ASP A 115 -34.22 10.87 5.21
N GLY A 116 -34.64 9.61 5.21
CA GLY A 116 -35.02 8.90 3.99
C GLY A 116 -33.93 8.81 2.93
N LEU A 117 -32.68 8.93 3.37
CA LEU A 117 -31.55 8.87 2.48
C LEU A 117 -30.50 7.84 2.95
N PRO A 118 -30.95 6.64 3.35
CA PRO A 118 -30.01 5.60 3.76
C PRO A 118 -29.46 4.84 2.54
N PRO A 119 -28.48 3.94 2.75
CA PRO A 119 -28.06 3.11 1.63
C PRO A 119 -29.15 2.09 1.28
N PRO A 120 -28.98 1.29 0.20
CA PRO A 120 -27.78 1.02 -0.63
C PRO A 120 -27.24 2.11 -1.57
N VAL A 121 -25.92 2.04 -1.77
CA VAL A 121 -25.21 2.82 -2.76
C VAL A 121 -25.00 1.93 -3.99
N THR A 122 -25.09 2.56 -5.15
CA THR A 122 -25.04 1.86 -6.41
C THR A 122 -24.03 2.55 -7.30
N LYS A 123 -23.76 3.82 -7.03
CA LYS A 123 -22.81 4.58 -7.85
C LYS A 123 -22.01 5.61 -7.04
N PHE A 124 -20.70 5.66 -7.29
CA PHE A 124 -19.72 6.47 -6.55
C PHE A 124 -18.94 7.29 -7.56
N GLN A 125 -19.18 8.60 -7.57
CA GLN A 125 -18.68 9.45 -8.66
C GLN A 125 -17.58 10.45 -8.24
N TYR A 126 -16.62 10.70 -9.13
CA TYR A 126 -15.60 11.73 -8.92
C TYR A 126 -15.73 12.88 -9.91
N VAL A 127 -15.76 14.11 -9.41
CA VAL A 127 -15.93 15.31 -10.22
C VAL A 127 -14.93 16.38 -9.83
N PHE A 128 -14.09 16.78 -10.79
CA PHE A 128 -13.25 17.97 -10.64
C PHE A 128 -13.79 19.13 -11.48
N GLN A 129 -14.01 20.27 -10.82
CA GLN A 129 -14.47 21.49 -11.48
C GLN A 129 -13.41 22.56 -11.31
N ASP A 130 -12.82 22.98 -12.45
CA ASP A 130 -11.72 23.94 -12.49
C ASP A 130 -12.19 25.32 -12.02
N GLN A 131 -11.25 26.17 -11.62
CA GLN A 131 -11.52 27.59 -11.36
C GLN A 131 -10.27 28.41 -11.67
N GLY A 132 -9.88 28.43 -12.94
CA GLY A 132 -8.60 29.00 -13.38
C GLY A 132 -7.42 28.41 -12.60
N ALA A 133 -7.34 27.07 -12.56
CA ALA A 133 -6.27 26.37 -11.83
C ALA A 133 -5.06 26.16 -12.72
N SER A 134 -3.86 26.42 -12.18
CA SER A 134 -2.59 26.24 -12.93
C SER A 134 -2.12 24.79 -12.89
N GLU A 135 -2.44 24.13 -11.77
CA GLU A 135 -2.22 22.70 -11.60
C GLU A 135 -3.57 22.01 -11.48
N THR A 136 -3.95 21.35 -12.55
CA THR A 136 -5.25 20.70 -12.67
C THR A 136 -5.22 19.41 -11.84
N ALA A 137 -6.39 18.85 -11.51
CA ALA A 137 -6.43 17.59 -10.75
C ALA A 137 -6.31 16.37 -11.67
N GLN A 138 -5.94 15.23 -11.08
CA GLN A 138 -5.64 13.99 -11.82
C GLN A 138 -6.23 12.83 -11.04
N LEU A 139 -7.18 12.11 -11.63
CA LEU A 139 -7.78 10.98 -10.94
C LEU A 139 -6.78 9.87 -11.09
N GLU A 140 -6.55 9.09 -10.02
CA GLU A 140 -5.53 8.04 -10.11
C GLU A 140 -6.11 6.65 -10.01
N SER A 141 -7.10 6.49 -9.13
CA SER A 141 -7.74 5.22 -8.87
C SER A 141 -9.15 5.42 -8.32
N LEU A 142 -9.99 4.41 -8.47
CA LEU A 142 -11.32 4.32 -7.82
C LEU A 142 -11.48 2.91 -7.30
N SER A 143 -12.13 2.73 -6.17
CA SER A 143 -12.09 1.45 -5.49
C SER A 143 -13.35 1.13 -4.73
N ALA A 144 -13.75 -0.13 -4.80
CA ALA A 144 -14.86 -0.61 -3.99
C ALA A 144 -14.31 -1.59 -2.99
N TYR A 145 -14.85 -1.59 -1.76
CA TYR A 145 -14.34 -2.43 -0.69
C TYR A 145 -15.38 -3.38 -0.08
N TYR A 146 -14.90 -4.60 0.21
CA TYR A 146 -15.76 -5.72 0.56
C TYR A 146 -15.27 -6.43 1.82
N PRO B 3 10.41 10.96 21.03
CA PRO B 3 10.35 11.81 19.85
C PRO B 3 11.54 11.67 18.87
N ILE B 4 12.57 10.86 19.23
CA ILE B 4 13.74 10.53 18.39
C ILE B 4 13.92 9.02 18.22
N GLN B 5 13.99 8.54 16.98
CA GLN B 5 14.10 7.09 16.69
C GLN B 5 14.82 6.86 15.36
N SER B 6 15.60 5.79 15.25
CA SER B 6 16.39 5.57 14.04
C SER B 6 16.71 4.12 13.70
N ILE B 7 17.01 3.89 12.42
CA ILE B 7 17.42 2.58 11.93
C ILE B 7 18.84 2.61 11.30
N LYS B 8 19.63 1.56 11.52
CA LYS B 8 21.01 1.53 10.98
C LYS B 8 21.17 0.43 9.96
N VAL B 9 21.77 0.76 8.82
CA VAL B 9 21.84 -0.16 7.70
C VAL B 9 23.28 -0.61 7.38
N ASP B 10 23.42 -1.71 6.63
CA ASP B 10 24.63 -2.04 5.91
C ASP B 10 24.97 -0.85 5.03
N PRO B 11 26.23 -0.40 5.05
CA PRO B 11 26.58 0.71 4.18
C PRO B 11 25.82 0.61 2.87
N MET B 12 24.94 1.57 2.63
CA MET B 12 23.98 1.51 1.57
C MET B 12 24.34 2.50 0.47
N LYS B 13 24.60 1.99 -0.73
CA LYS B 13 24.99 2.86 -1.84
C LYS B 13 23.91 3.01 -2.90
N SER B 14 22.79 2.35 -2.66
CA SER B 14 21.73 2.23 -3.65
C SER B 14 20.46 1.93 -2.89
N GLY B 15 19.33 2.00 -3.59
CA GLY B 15 18.01 1.76 -2.99
C GLY B 15 17.33 3.07 -2.71
N GLY B 16 16.77 3.19 -1.52
CA GLY B 16 16.12 4.43 -1.05
C GLY B 16 15.76 4.20 0.42
N LEU B 17 15.23 5.24 1.07
CA LEU B 17 14.82 5.21 2.48
C LEU B 17 13.47 5.92 2.71
N GLY B 18 12.60 5.34 3.54
CA GLY B 18 11.30 5.98 3.82
C GLY B 18 10.84 6.13 5.27
N VAL B 19 9.93 7.07 5.49
CA VAL B 19 9.30 7.29 6.79
C VAL B 19 7.82 7.65 6.62
N VAL B 20 6.98 7.24 7.56
CA VAL B 20 5.58 7.62 7.60
C VAL B 20 5.31 8.18 8.99
N TYR B 21 4.80 9.41 9.10
CA TYR B 21 4.49 10.01 10.42
C TYR B 21 3.29 10.96 10.44
N ARG B 22 2.64 11.06 11.59
CA ARG B 22 1.58 12.06 11.76
C ARG B 22 2.17 13.40 12.14
N SER B 23 2.11 14.36 11.22
CA SER B 23 2.65 15.72 11.42
C SER B 23 2.13 16.39 12.70
N PRO B 24 2.91 17.30 13.32
CA PRO B 24 2.35 18.11 14.42
C PRO B 24 1.71 19.37 13.86
N ASP B 25 1.21 20.24 14.73
CA ASP B 25 0.67 21.54 14.30
C ASP B 25 1.65 22.66 14.58
N LYS B 26 2.47 22.47 15.60
CA LYS B 26 3.61 23.33 15.86
C LYS B 26 4.86 22.49 16.11
N GLY B 27 6.03 23.05 15.82
CA GLY B 27 7.29 22.34 16.02
C GLY B 27 7.99 22.13 14.71
N ARG B 28 8.85 21.11 14.65
CA ARG B 28 9.51 20.72 13.42
C ARG B 28 9.92 19.25 13.44
N VAL B 29 9.92 18.64 12.25
CA VAL B 29 10.28 17.23 12.09
C VAL B 29 11.48 17.18 11.14
N SER B 30 12.56 16.51 11.55
CA SER B 30 13.77 16.48 10.74
C SER B 30 14.20 15.07 10.53
N LEU B 31 14.80 14.82 9.38
CA LEU B 31 15.34 13.50 9.07
C LEU B 31 16.83 13.65 8.74
N TYR B 32 17.64 12.72 9.21
CA TYR B 32 19.09 12.84 9.13
C TYR B 32 19.66 11.57 8.54
N LEU B 33 20.49 11.73 7.51
CA LEU B 33 21.19 10.60 6.92
C LEU B 33 22.70 10.77 7.19
N TYR B 34 23.27 9.80 7.92
CA TYR B 34 24.68 9.85 8.33
C TYR B 34 25.59 8.87 7.58
N ASN B 35 26.88 9.23 7.52
CA ASN B 35 27.93 8.26 7.24
C ASN B 35 28.38 7.68 8.58
N ASP B 36 29.42 6.86 8.54
CA ASP B 36 29.93 6.18 9.72
C ASP B 36 30.66 7.07 10.74
N GLY B 37 31.30 8.13 10.26
CA GLY B 37 31.91 9.16 11.13
C GLY B 37 30.93 10.25 11.55
N GLU B 38 29.64 10.02 11.25
CA GLU B 38 28.55 10.86 11.70
C GLU B 38 28.54 12.27 11.06
N ASP B 39 28.99 12.35 9.82
CA ASP B 39 28.74 13.50 8.97
C ASP B 39 27.27 13.45 8.56
N ILE B 40 26.63 14.60 8.52
CA ILE B 40 25.23 14.67 8.12
C ILE B 40 25.20 14.85 6.61
N LEU B 41 25.06 13.72 5.91
CA LEU B 41 25.00 13.67 4.44
C LEU B 41 23.81 14.41 3.83
N LEU B 42 22.72 14.49 4.60
CA LEU B 42 21.52 15.22 4.24
C LEU B 42 20.59 15.27 5.43
N VAL B 43 20.12 16.48 5.80
CA VAL B 43 18.94 16.65 6.64
C VAL B 43 17.75 17.22 5.85
N VAL B 44 16.68 16.43 5.78
CA VAL B 44 15.42 16.90 5.26
C VAL B 44 14.67 17.41 6.48
N ASP B 45 14.62 18.73 6.62
CA ASP B 45 14.06 19.33 7.82
C ASP B 45 12.71 20.05 7.57
N ALA B 46 11.66 19.57 8.23
CA ALA B 46 10.29 20.06 8.04
C ALA B 46 9.82 20.96 9.19
N ARG B 47 9.62 22.24 8.90
CA ARG B 47 9.23 23.19 9.94
C ARG B 47 7.74 23.55 9.92
N PHE B 48 7.04 23.06 10.93
CA PHE B 48 5.61 23.33 11.04
C PHE B 48 5.38 24.70 11.72
N ASP B 49 5.86 24.86 12.96
CA ASP B 49 6.16 26.20 13.46
C ASP B 49 7.48 26.20 14.25
N TRP B 50 8.51 26.76 13.62
CA TRP B 50 9.83 26.87 14.23
C TRP B 50 10.31 28.29 14.17
N ARG B 51 10.61 28.83 15.36
CA ARG B 51 11.32 30.11 15.52
C ARG B 51 10.97 31.18 14.51
N GLY B 52 9.68 31.47 14.40
CA GLY B 52 9.23 32.52 13.49
C GLY B 52 8.85 32.07 12.10
N GLU B 53 9.45 30.96 11.64
CA GLU B 53 9.09 30.34 10.36
C GLU B 53 7.91 29.36 10.50
N GLN B 54 6.98 29.45 9.57
CA GLN B 54 5.87 28.48 9.46
C GLN B 54 5.93 27.83 8.09
N ASN B 55 5.73 26.51 8.05
CA ASN B 55 5.60 25.76 6.81
C ASN B 55 6.73 25.99 5.82
N VAL B 56 7.96 25.72 6.27
CA VAL B 56 9.14 25.76 5.38
C VAL B 56 9.98 24.47 5.44
N LEU B 57 10.48 24.03 4.30
CA LEU B 57 11.30 22.85 4.23
C LEU B 57 12.75 23.28 3.98
N VAL B 58 13.67 22.83 4.83
CA VAL B 58 15.09 23.12 4.64
C VAL B 58 15.87 21.83 4.44
N LEU B 59 16.77 21.86 3.46
CA LEU B 59 17.68 20.77 3.14
C LEU B 59 19.12 21.29 3.18
N ASN B 60 20.04 20.50 3.76
CA ASN B 60 21.46 20.88 3.94
C ASN B 60 22.42 19.71 4.24
N SER B 61 23.73 19.95 4.22
CA SER B 61 24.67 18.96 4.73
C SER B 61 25.82 19.56 5.55
N LYS B 62 26.64 18.71 6.15
CA LYS B 62 27.55 19.16 7.19
C LYS B 62 28.51 18.04 7.59
N PHE B 63 29.78 18.39 7.77
CA PHE B 63 30.73 17.43 8.28
C PHE B 63 30.49 17.28 9.77
N ALA B 64 30.88 16.16 10.35
CA ALA B 64 30.71 15.93 11.80
C ALA B 64 31.35 17.11 12.56
N GLY B 65 30.50 18.03 13.01
CA GLY B 65 30.96 19.22 13.74
C GLY B 65 31.69 20.29 12.93
N GLY B 66 31.69 20.17 11.60
CA GLY B 66 32.10 21.27 10.72
C GLY B 66 30.97 22.29 10.65
N GLU B 67 30.68 22.81 9.46
CA GLU B 67 29.64 23.83 9.36
C GLU B 67 28.68 23.67 8.20
N TRP B 68 27.38 23.91 8.46
CA TRP B 68 26.32 23.81 7.46
C TRP B 68 26.66 24.51 6.19
N GLY B 69 26.39 23.86 5.06
CA GLY B 69 26.53 24.48 3.75
C GLY B 69 25.37 25.42 3.43
N PRO B 70 25.20 25.75 2.13
CA PRO B 70 24.02 26.55 1.75
C PRO B 70 22.71 25.80 2.07
N GLU B 71 21.68 26.52 2.52
CA GLU B 71 20.32 25.96 2.57
C GLU B 71 19.73 25.89 1.16
N VAL B 72 19.16 24.75 0.79
CA VAL B 72 18.13 24.76 -0.26
C VAL B 72 16.73 24.64 0.37
N ARG B 73 15.82 25.50 -0.08
CA ARG B 73 14.42 25.56 0.38
C ARG B 73 13.49 25.34 -0.81
N PRO B 74 13.11 24.08 -1.07
CA PRO B 74 12.22 23.85 -2.22
C PRO B 74 10.77 23.97 -1.79
N GLU B 75 9.91 24.20 -2.76
CA GLU B 75 8.49 24.32 -2.51
C GLU B 75 7.79 23.09 -2.99
N GLY B 76 6.61 22.82 -2.45
CA GLY B 76 5.80 21.73 -2.91
C GLY B 76 5.62 20.69 -1.82
N PHE B 77 6.12 20.97 -0.62
CA PHE B 77 6.06 19.98 0.44
C PHE B 77 4.70 20.05 1.11
N PRO B 78 4.10 18.88 1.37
CA PRO B 78 2.69 18.81 1.82
C PRO B 78 2.36 19.32 3.23
N PHE B 79 2.60 20.59 3.53
CA PHE B 79 2.14 21.17 4.81
C PHE B 79 0.63 21.39 4.72
N PRO B 80 -0.10 21.08 5.79
CA PRO B 80 -1.53 21.36 5.80
C PRO B 80 -1.89 22.78 6.30
N CYS B 81 -2.99 23.30 5.76
CA CYS B 81 -3.49 24.63 6.13
C CYS B 81 -4.02 24.69 7.56
N CYS B 82 -4.16 25.93 8.05
CA CYS B 82 -5.11 26.27 9.11
C CYS B 82 -4.86 25.57 10.45
N GLY B 83 -3.63 25.12 10.70
CA GLY B 83 -3.31 24.41 11.94
C GLY B 83 -3.65 22.92 11.96
N TYR B 84 -3.97 22.35 10.78
CA TYR B 84 -4.38 20.94 10.65
C TYR B 84 -3.22 19.92 10.63
N VAL B 85 -3.47 18.70 11.09
CA VAL B 85 -2.45 17.64 10.95
C VAL B 85 -2.89 16.56 9.96
N THR B 86 -1.93 15.98 9.23
CA THR B 86 -2.20 14.76 8.45
C THR B 86 -1.14 13.63 8.68
N THR B 87 -1.33 12.46 8.05
CA THR B 87 -0.24 11.49 7.87
C THR B 87 0.58 11.97 6.68
N ILE B 88 1.91 12.00 6.83
CA ILE B 88 2.83 12.26 5.70
C ILE B 88 3.71 11.04 5.43
N THR B 89 4.11 10.89 4.17
CA THR B 89 5.01 9.84 3.73
C THR B 89 6.18 10.46 2.98
N VAL B 90 7.41 10.16 3.43
CA VAL B 90 8.62 10.66 2.75
C VAL B 90 9.43 9.50 2.19
N ARG B 91 10.08 9.76 1.06
CA ARG B 91 10.94 8.77 0.41
C ARG B 91 12.18 9.49 -0.09
N VAL B 92 13.36 9.09 0.41
CA VAL B 92 14.64 9.66 -0.05
C VAL B 92 15.37 8.58 -0.82
N GLU B 93 15.58 8.80 -2.11
CA GLU B 93 16.14 7.78 -2.97
C GLU B 93 17.65 8.05 -3.20
N ILE B 94 18.45 6.98 -3.29
CA ILE B 94 19.92 7.10 -3.37
C ILE B 94 20.53 6.80 -4.76
N GLY B 95 20.61 7.83 -5.60
CA GLY B 95 21.12 7.66 -6.96
C GLY B 95 22.63 7.54 -7.09
N ALA B 96 23.10 7.62 -8.32
CA ALA B 96 24.53 7.67 -8.58
C ALA B 96 25.09 9.01 -8.12
N ASP B 97 24.34 10.09 -8.34
CA ASP B 97 24.86 11.46 -8.33
C ASP B 97 24.27 12.42 -7.27
N GLY B 98 23.17 11.97 -6.64
CA GLY B 98 22.47 12.73 -5.60
C GLY B 98 21.29 11.95 -5.05
N PHE B 99 20.65 12.56 -4.06
CA PHE B 99 19.41 12.06 -3.47
C PHE B 99 18.21 12.60 -4.23
N THR B 100 17.08 11.91 -4.15
CA THR B 100 15.82 12.39 -4.69
C THR B 100 14.77 12.34 -3.58
N LEU B 101 13.96 13.40 -3.49
CA LEU B 101 12.92 13.43 -2.47
C LEU B 101 11.49 13.38 -2.96
N SER B 102 10.80 12.31 -2.56
CA SER B 102 9.41 12.12 -2.83
C SER B 102 8.66 12.20 -1.51
N ALA B 103 7.60 12.99 -1.49
CA ALA B 103 6.68 13.03 -0.38
C ALA B 103 5.32 12.75 -0.99
N ASN B 104 4.51 11.93 -0.33
CA ASN B 104 3.20 11.48 -0.83
C ASN B 104 3.06 11.18 -2.31
N GLY B 105 3.92 10.31 -2.83
CA GLY B 105 3.90 9.95 -4.27
C GLY B 105 4.54 10.94 -5.24
N ILE B 106 4.73 12.20 -4.78
CA ILE B 106 5.27 13.28 -5.61
C ILE B 106 6.73 13.67 -5.26
N GLU B 107 7.59 13.61 -6.26
CA GLU B 107 8.96 14.07 -6.19
C GLU B 107 9.04 15.58 -5.88
N ILE B 108 9.78 15.94 -4.83
CA ILE B 108 9.93 17.34 -4.39
C ILE B 108 11.22 18.00 -4.89
N VAL B 109 12.36 17.29 -4.82
CA VAL B 109 13.66 17.80 -5.30
C VAL B 109 14.71 16.71 -5.56
N LYS B 110 15.54 16.93 -6.55
CA LYS B 110 16.76 16.16 -6.74
C LYS B 110 17.91 17.00 -6.13
N TYR B 111 18.67 16.41 -5.24
CA TYR B 111 19.73 17.15 -4.55
C TYR B 111 21.08 16.43 -4.73
N PRO B 112 21.89 16.90 -5.69
CA PRO B 112 23.25 16.34 -5.85
C PRO B 112 24.02 16.30 -4.53
N TYR B 113 24.82 15.26 -4.33
CA TYR B 113 25.71 15.20 -3.16
C TYR B 113 26.61 16.41 -3.05
N ARG B 114 26.76 16.93 -1.85
CA ARG B 114 27.72 18.01 -1.60
C ARG B 114 29.16 17.49 -1.57
N ASP B 115 30.13 18.34 -1.88
CA ASP B 115 31.55 17.95 -1.97
C ASP B 115 32.06 17.19 -0.73
N GLY B 116 32.59 15.99 -0.97
CA GLY B 116 33.15 15.18 0.11
C GLY B 116 32.13 14.54 1.04
N LEU B 117 30.87 14.49 0.60
CA LEU B 117 29.77 13.90 1.36
C LEU B 117 29.02 12.83 0.59
N PRO B 118 29.70 12.03 -0.26
CA PRO B 118 28.90 11.05 -1.00
C PRO B 118 28.50 9.85 -0.10
N PRO B 119 27.57 9.00 -0.58
CA PRO B 119 27.26 7.70 0.06
C PRO B 119 28.53 6.86 0.42
N PRO B 120 28.36 5.82 1.26
CA PRO B 120 27.07 5.28 1.72
C PRO B 120 26.44 5.93 2.96
N VAL B 121 25.13 5.72 3.11
CA VAL B 121 24.37 6.02 4.31
C VAL B 121 24.52 4.80 5.21
N THR B 122 24.66 5.04 6.51
CA THR B 122 24.68 3.93 7.46
C THR B 122 23.62 4.10 8.52
N LYS B 123 23.06 5.30 8.63
CA LYS B 123 22.07 5.63 9.66
C LYS B 123 21.03 6.65 9.17
N PHE B 124 19.77 6.42 9.53
CA PHE B 124 18.65 7.25 9.09
C PHE B 124 17.74 7.58 10.26
N GLN B 125 17.63 8.87 10.58
CA GLN B 125 17.12 9.27 11.87
C GLN B 125 16.00 10.32 11.91
N TYR B 126 14.82 9.91 12.38
CA TYR B 126 13.68 10.77 12.65
C TYR B 126 13.85 11.46 13.98
N VAL B 127 13.63 12.78 13.99
CA VAL B 127 13.73 13.63 15.18
C VAL B 127 12.64 14.70 15.14
N PHE B 128 11.81 14.75 16.19
CA PHE B 128 10.77 15.77 16.29
C PHE B 128 11.00 16.74 17.45
N GLN B 129 11.03 18.04 17.14
CA GLN B 129 11.29 19.06 18.15
C GLN B 129 10.10 19.98 18.36
N ASP B 130 9.53 19.88 19.57
CA ASP B 130 8.27 20.51 19.98
C ASP B 130 8.43 22.01 20.08
N GLN B 131 7.33 22.71 20.35
CA GLN B 131 7.28 24.16 20.58
C GLN B 131 5.84 24.53 20.93
N GLY B 132 5.35 24.02 22.06
CA GLY B 132 3.94 24.23 22.46
C GLY B 132 2.91 23.75 21.44
N ALA B 133 3.16 22.59 20.85
CA ALA B 133 2.19 21.89 20.00
C ALA B 133 0.93 21.44 20.75
N SER B 134 -0.25 21.70 20.20
CA SER B 134 -1.50 21.17 20.76
C SER B 134 -1.78 19.73 20.29
N GLU B 135 -1.10 19.33 19.21
CA GLU B 135 -1.08 17.95 18.72
C GLU B 135 0.37 17.63 18.26
N THR B 136 1.06 16.74 18.99
CA THR B 136 2.50 16.48 18.71
C THR B 136 2.62 15.41 17.61
N ALA B 137 3.79 15.28 17.00
CA ALA B 137 3.98 14.33 15.90
C ALA B 137 4.01 12.91 16.43
N GLN B 138 3.63 11.95 15.58
CA GLN B 138 3.59 10.53 15.96
C GLN B 138 4.27 9.82 14.85
N LEU B 139 5.27 9.03 15.17
CA LEU B 139 5.99 8.34 14.15
C LEU B 139 5.30 7.01 13.93
N GLU B 140 5.23 6.56 12.68
CA GLU B 140 4.50 5.35 12.38
C GLU B 140 5.35 4.26 11.78
N SER B 141 6.30 4.64 10.93
CA SER B 141 7.24 3.66 10.38
C SER B 141 8.58 4.25 9.87
N LEU B 142 9.57 3.37 9.70
CA LEU B 142 10.84 3.69 9.05
C LEU B 142 11.18 2.48 8.20
N SER B 143 11.63 2.71 6.96
CA SER B 143 11.85 1.62 6.01
C SER B 143 13.10 1.83 5.19
N ALA B 144 13.82 0.73 4.92
CA ALA B 144 14.94 0.71 3.99
C ALA B 144 14.58 -0.16 2.79
N TYR B 145 14.95 0.33 1.59
CA TYR B 145 14.56 -0.28 0.32
C TYR B 145 15.73 -0.75 -0.48
N TYR B 146 15.56 -1.96 -1.00
CA TYR B 146 16.59 -2.61 -1.77
C TYR B 146 15.98 -3.01 -3.11
N PRO C 3 -20.24 -13.90 -3.54
CA PRO C 3 -19.38 -14.71 -4.42
C PRO C 3 -19.36 -14.25 -5.88
N ILE C 4 -20.16 -13.21 -6.21
CA ILE C 4 -20.15 -12.54 -7.53
C ILE C 4 -20.36 -11.04 -7.37
N GLN C 5 -19.34 -10.27 -7.74
CA GLN C 5 -19.38 -8.79 -7.61
C GLN C 5 -18.71 -8.10 -8.79
N SER C 6 -19.34 -7.06 -9.34
CA SER C 6 -18.73 -6.37 -10.45
C SER C 6 -18.54 -4.85 -10.19
N ILE C 7 -17.73 -4.18 -11.03
CA ILE C 7 -17.74 -2.72 -11.14
C ILE C 7 -17.87 -2.36 -12.62
N LYS C 8 -18.84 -1.52 -12.94
CA LYS C 8 -19.04 -1.10 -14.33
CA LYS C 8 -19.07 -1.09 -14.33
C LYS C 8 -18.39 0.26 -14.51
N VAL C 9 -17.78 0.48 -15.65
CA VAL C 9 -17.07 1.73 -15.87
C VAL C 9 -17.45 2.40 -17.19
N ASP C 10 -16.97 3.62 -17.38
CA ASP C 10 -17.01 4.26 -18.69
C ASP C 10 -16.30 3.35 -19.70
N PRO C 11 -16.44 3.67 -21.00
CA PRO C 11 -15.55 2.97 -21.91
C PRO C 11 -14.08 3.23 -21.54
N MET C 12 -13.41 2.16 -21.12
CA MET C 12 -12.04 2.22 -20.62
C MET C 12 -11.10 1.69 -21.69
N LYS C 13 -10.05 2.45 -21.98
CA LYS C 13 -9.14 2.04 -23.06
C LYS C 13 -7.66 2.03 -22.65
N SER C 14 -7.38 2.48 -21.43
CA SER C 14 -6.04 2.37 -20.88
C SER C 14 -6.03 2.33 -19.34
N GLY C 15 -4.85 2.20 -18.76
CA GLY C 15 -4.73 1.90 -17.34
C GLY C 15 -5.00 0.42 -17.10
N GLY C 16 -5.48 0.10 -15.89
CA GLY C 16 -5.66 -1.29 -15.50
C GLY C 16 -6.89 -1.52 -14.66
N LEU C 17 -6.94 -2.69 -14.01
CA LEU C 17 -8.05 -3.10 -13.18
C LEU C 17 -7.53 -4.17 -12.24
N GLY C 18 -7.65 -3.92 -10.96
CA GLY C 18 -7.12 -4.87 -10.01
C GLY C 18 -8.18 -5.41 -9.09
N VAL C 19 -8.06 -6.68 -8.77
CA VAL C 19 -8.85 -7.20 -7.67
C VAL C 19 -7.88 -7.74 -6.61
N VAL C 20 -8.42 -8.05 -5.44
CA VAL C 20 -7.68 -8.58 -4.33
C VAL C 20 -8.70 -9.53 -3.73
N TYR C 21 -8.33 -10.80 -3.58
CA TYR C 21 -9.18 -11.72 -2.81
C TYR C 21 -8.35 -12.60 -1.86
N ARG C 22 -9.01 -13.19 -0.87
CA ARG C 22 -8.40 -14.32 -0.19
C ARG C 22 -8.79 -15.59 -0.96
N SER C 23 -7.77 -16.31 -1.44
CA SER C 23 -7.95 -17.48 -2.32
C SER C 23 -8.69 -18.64 -1.67
N PRO C 24 -9.40 -19.48 -2.46
CA PRO C 24 -10.05 -20.67 -1.89
C PRO C 24 -9.13 -21.86 -1.98
N ASP C 25 -9.43 -22.92 -1.25
CA ASP C 25 -8.61 -24.13 -1.32
C ASP C 25 -9.06 -25.05 -2.45
N LYS C 26 -10.36 -25.04 -2.76
CA LYS C 26 -10.88 -25.74 -3.94
C LYS C 26 -11.80 -24.82 -4.75
N GLY C 27 -11.96 -25.12 -6.03
CA GLY C 27 -12.88 -24.37 -6.85
C GLY C 27 -12.16 -23.48 -7.83
N ARG C 28 -12.84 -22.44 -8.32
CA ARG C 28 -12.22 -21.45 -9.20
C ARG C 28 -12.62 -19.97 -8.98
N VAL C 29 -11.68 -19.06 -9.22
CA VAL C 29 -11.98 -17.65 -9.24
C VAL C 29 -11.80 -17.10 -10.65
N SER C 30 -12.88 -16.66 -11.27
CA SER C 30 -12.77 -16.15 -12.64
C SER C 30 -12.88 -14.63 -12.61
N LEU C 31 -12.17 -13.99 -13.53
CA LEU C 31 -12.30 -12.55 -13.70
C LEU C 31 -12.63 -12.29 -15.15
N TYR C 32 -13.75 -11.61 -15.38
CA TYR C 32 -14.21 -11.33 -16.72
C TYR C 32 -14.07 -9.86 -17.05
N LEU C 33 -13.65 -9.58 -18.26
CA LEU C 33 -13.64 -8.23 -18.73
C LEU C 33 -14.59 -8.18 -19.93
N TYR C 34 -15.76 -7.56 -19.73
CA TYR C 34 -16.79 -7.44 -20.78
C TYR C 34 -16.81 -6.06 -21.39
N ASN C 35 -17.10 -6.00 -22.68
CA ASN C 35 -17.54 -4.72 -23.27
C ASN C 35 -19.05 -4.59 -23.10
N ASP C 36 -19.61 -3.53 -23.74
CA ASP C 36 -21.01 -3.15 -23.56
C ASP C 36 -21.94 -4.07 -24.29
N GLY C 37 -21.45 -4.65 -25.40
CA GLY C 37 -22.17 -5.71 -26.13
C GLY C 37 -22.05 -7.07 -25.46
N GLU C 38 -21.56 -7.08 -24.22
CA GLU C 38 -21.35 -8.30 -23.42
C GLU C 38 -20.42 -9.36 -24.04
N ASP C 39 -19.44 -8.94 -24.82
CA ASP C 39 -18.37 -9.85 -25.21
C ASP C 39 -17.49 -10.15 -24.01
N ILE C 40 -16.93 -11.34 -23.96
CA ILE C 40 -15.84 -11.58 -23.04
C ILE C 40 -14.55 -11.29 -23.80
N LEU C 41 -14.03 -10.08 -23.56
CA LEU C 41 -12.79 -9.63 -24.18
C LEU C 41 -11.63 -10.42 -23.65
N LEU C 42 -11.76 -10.89 -22.41
CA LEU C 42 -10.78 -11.73 -21.76
C LEU C 42 -11.38 -12.25 -20.49
N VAL C 43 -11.16 -13.54 -20.28
CA VAL C 43 -11.39 -14.16 -18.99
C VAL C 43 -10.03 -14.60 -18.44
N VAL C 44 -9.85 -14.44 -17.13
CA VAL C 44 -8.70 -14.90 -16.39
C VAL C 44 -9.19 -15.90 -15.35
N ASP C 45 -8.82 -17.16 -15.54
CA ASP C 45 -9.45 -18.24 -14.81
C ASP C 45 -8.50 -19.05 -13.95
N ALA C 46 -8.44 -18.70 -12.67
CA ALA C 46 -7.62 -19.41 -11.71
C ALA C 46 -8.35 -20.64 -11.19
N ARG C 47 -8.05 -21.80 -11.76
CA ARG C 47 -8.69 -23.05 -11.35
C ARG C 47 -7.87 -23.76 -10.27
N PHE C 48 -8.25 -23.56 -9.01
CA PHE C 48 -7.55 -24.12 -7.84
C PHE C 48 -7.77 -25.62 -7.68
N ASP C 49 -9.04 -26.06 -7.68
CA ASP C 49 -9.40 -27.45 -8.01
C ASP C 49 -10.79 -27.53 -8.65
N TRP C 50 -10.81 -27.54 -9.98
CA TRP C 50 -12.03 -27.40 -10.75
C TRP C 50 -12.10 -28.38 -11.90
N ARG C 51 -13.10 -29.26 -11.88
CA ARG C 51 -13.30 -30.33 -12.90
C ARG C 51 -12.07 -31.20 -13.16
N GLY C 52 -11.44 -31.70 -12.11
CA GLY C 52 -10.26 -32.58 -12.26
C GLY C 52 -9.01 -31.92 -12.82
N GLU C 53 -8.88 -30.61 -12.58
CA GLU C 53 -7.66 -29.88 -12.94
C GLU C 53 -7.17 -29.03 -11.76
N GLN C 54 -5.91 -29.25 -11.38
CA GLN C 54 -5.28 -28.64 -10.20
C GLN C 54 -4.37 -27.51 -10.61
N ASN C 55 -4.60 -26.36 -9.99
CA ASN C 55 -3.77 -25.17 -10.16
C ASN C 55 -3.40 -24.86 -11.61
N VAL C 56 -4.41 -24.43 -12.36
CA VAL C 56 -4.25 -24.08 -13.77
C VAL C 56 -4.88 -22.70 -14.09
N LEU C 57 -4.18 -21.91 -14.90
CA LEU C 57 -4.66 -20.60 -15.27
C LEU C 57 -5.01 -20.66 -16.75
N VAL C 58 -6.28 -20.48 -17.07
CA VAL C 58 -6.72 -20.38 -18.46
C VAL C 58 -7.04 -18.94 -18.83
N LEU C 59 -6.44 -18.44 -19.88
CA LEU C 59 -6.91 -17.20 -20.45
C LEU C 59 -7.62 -17.51 -21.75
N ASN C 60 -8.67 -16.74 -22.05
CA ASN C 60 -9.48 -16.96 -23.26
C ASN C 60 -10.40 -15.77 -23.54
N SER C 61 -11.11 -15.82 -24.67
CA SER C 61 -12.07 -14.79 -25.05
C SER C 61 -13.24 -15.39 -25.83
N LYS C 62 -14.29 -14.61 -26.06
CA LYS C 62 -15.53 -15.20 -26.59
C LYS C 62 -16.58 -14.17 -26.96
N PHE C 63 -17.03 -14.19 -28.21
CA PHE C 63 -18.17 -13.36 -28.62
C PHE C 63 -19.39 -13.78 -27.82
N ALA C 64 -20.21 -12.80 -27.43
CA ALA C 64 -21.49 -13.06 -26.75
C ALA C 64 -22.27 -14.18 -27.45
N GLY C 65 -22.51 -15.29 -26.75
CA GLY C 65 -23.24 -16.43 -27.35
C GLY C 65 -22.65 -17.06 -28.62
N GLY C 66 -21.42 -16.70 -28.97
CA GLY C 66 -20.62 -17.45 -29.93
C GLY C 66 -19.88 -18.51 -29.12
N GLU C 67 -18.69 -18.88 -29.57
CA GLU C 67 -17.91 -19.88 -28.83
C GLU C 67 -16.48 -19.45 -28.52
N TRP C 68 -15.79 -20.26 -27.70
CA TRP C 68 -14.48 -19.91 -27.14
C TRP C 68 -13.39 -19.78 -28.16
N GLY C 69 -12.16 -19.61 -27.68
CA GLY C 69 -10.99 -19.58 -28.53
C GLY C 69 -10.00 -20.63 -28.05
N PRO C 70 -8.78 -20.65 -28.64
CA PRO C 70 -7.66 -21.47 -28.16
C PRO C 70 -7.23 -21.02 -26.77
N GLU C 71 -7.04 -21.99 -25.87
CA GLU C 71 -6.75 -21.71 -24.47
C GLU C 71 -5.27 -21.37 -24.27
N VAL C 72 -5.00 -20.21 -23.69
CA VAL C 72 -3.65 -19.90 -23.25
C VAL C 72 -3.53 -20.39 -21.81
N ARG C 73 -2.37 -20.93 -21.44
CA ARG C 73 -2.14 -21.51 -20.11
C ARG C 73 -0.74 -21.20 -19.60
N PRO C 74 -0.57 -20.01 -19.01
CA PRO C 74 0.76 -19.58 -18.62
C PRO C 74 1.17 -20.15 -17.28
N GLU C 75 2.46 -20.27 -17.09
CA GLU C 75 3.02 -20.67 -15.81
C GLU C 75 3.26 -19.44 -14.96
N GLY C 76 3.39 -19.64 -13.66
CA GLY C 76 3.83 -18.58 -12.76
C GLY C 76 2.76 -17.96 -11.90
N PHE C 77 1.53 -18.48 -11.96
CA PHE C 77 0.48 -17.93 -11.10
C PHE C 77 0.74 -18.36 -9.68
N PRO C 78 0.68 -17.40 -8.75
CA PRO C 78 1.01 -17.64 -7.35
C PRO C 78 0.02 -18.55 -6.65
N PHE C 79 -0.14 -19.79 -7.15
CA PHE C 79 -0.98 -20.81 -6.49
C PHE C 79 -0.29 -21.28 -5.21
N PRO C 80 -0.98 -21.19 -4.06
CA PRO C 80 -0.38 -21.73 -2.82
C PRO C 80 -0.35 -23.26 -2.79
N CYS C 81 0.77 -23.80 -2.29
CA CYS C 81 0.95 -25.24 -2.11
C CYS C 81 -0.11 -25.82 -1.16
N CYS C 82 -0.20 -27.16 -1.14
CA CYS C 82 -0.67 -27.91 0.03
C CYS C 82 -2.07 -27.56 0.53
N GLY C 83 -2.91 -27.00 -0.33
CA GLY C 83 -4.23 -26.54 0.10
C GLY C 83 -4.16 -25.56 1.27
N TYR C 84 -3.28 -24.56 1.14
CA TYR C 84 -3.24 -23.38 2.01
C TYR C 84 -3.83 -22.22 1.24
N VAL C 85 -4.54 -21.33 1.93
CA VAL C 85 -5.06 -20.11 1.31
C VAL C 85 -4.18 -18.95 1.68
N THR C 86 -4.14 -17.95 0.81
CA THR C 86 -3.47 -16.69 1.11
C THR C 86 -4.23 -15.53 0.41
N THR C 87 -3.76 -14.29 0.57
CA THR C 87 -4.31 -13.11 -0.10
C THR C 87 -3.58 -12.88 -1.43
N ILE C 88 -4.32 -12.98 -2.54
CA ILE C 88 -3.77 -12.70 -3.91
C ILE C 88 -4.12 -11.28 -4.36
N THR C 89 -3.17 -10.59 -4.97
CA THR C 89 -3.48 -9.33 -5.62
C THR C 89 -3.28 -9.59 -7.10
N VAL C 90 -4.23 -9.19 -7.95
CA VAL C 90 -4.04 -9.35 -9.39
C VAL C 90 -4.24 -8.02 -10.13
N ARG C 91 -3.54 -7.86 -11.25
CA ARG C 91 -3.57 -6.64 -12.02
C ARG C 91 -3.64 -6.95 -13.50
N VAL C 92 -4.60 -6.32 -14.18
CA VAL C 92 -4.80 -6.50 -15.62
C VAL C 92 -4.70 -5.15 -16.28
N GLU C 93 -3.63 -4.91 -17.02
CA GLU C 93 -3.45 -3.62 -17.69
C GLU C 93 -4.00 -3.66 -19.10
N ILE C 94 -4.71 -2.58 -19.49
CA ILE C 94 -5.24 -2.42 -20.84
C ILE C 94 -4.23 -1.65 -21.71
N GLY C 95 -3.28 -2.36 -22.30
CA GLY C 95 -2.18 -1.73 -23.05
C GLY C 95 -2.51 -1.42 -24.50
N ALA C 96 -1.55 -0.78 -25.18
CA ALA C 96 -1.75 -0.34 -26.55
C ALA C 96 -2.11 -1.51 -27.49
N ASP C 97 -1.19 -2.46 -27.64
CA ASP C 97 -1.40 -3.61 -28.53
C ASP C 97 -2.02 -4.82 -27.79
N GLY C 98 -2.05 -4.81 -26.45
CA GLY C 98 -2.59 -5.96 -25.68
C GLY C 98 -2.87 -5.84 -24.19
N PHE C 99 -3.26 -6.95 -23.56
CA PHE C 99 -3.50 -7.06 -22.11
C PHE C 99 -2.27 -7.61 -21.40
N THR C 100 -1.75 -6.88 -20.43
CA THR C 100 -0.65 -7.38 -19.60
C THR C 100 -1.17 -7.92 -18.26
N LEU C 101 -1.10 -9.24 -18.08
CA LEU C 101 -1.46 -9.76 -16.78
C LEU C 101 -0.33 -9.81 -15.72
N SER C 102 -0.70 -9.54 -14.48
CA SER C 102 0.23 -9.47 -13.37
C SER C 102 -0.47 -10.04 -12.14
N ALA C 103 0.30 -10.71 -11.28
CA ALA C 103 -0.16 -11.10 -9.93
C ALA C 103 0.96 -10.90 -8.92
N ASN C 104 0.63 -10.21 -7.82
CA ASN C 104 1.56 -9.83 -6.75
C ASN C 104 2.77 -9.00 -7.19
N GLY C 105 2.54 -8.07 -8.12
CA GLY C 105 3.58 -7.15 -8.60
C GLY C 105 4.51 -7.73 -9.63
N ILE C 106 4.29 -9.00 -9.95
CA ILE C 106 5.10 -9.73 -10.93
C ILE C 106 4.25 -10.02 -12.17
N GLU C 107 4.69 -9.49 -13.32
CA GLU C 107 3.98 -9.72 -14.57
C GLU C 107 4.03 -11.20 -14.93
N ILE C 108 2.88 -11.75 -15.27
CA ILE C 108 2.70 -13.17 -15.55
C ILE C 108 2.65 -13.53 -17.03
N VAL C 109 2.18 -12.61 -17.88
CA VAL C 109 2.05 -12.83 -19.35
C VAL C 109 1.31 -11.72 -20.09
N LYS C 110 1.66 -11.58 -21.37
CA LYS C 110 0.95 -10.72 -22.32
C LYS C 110 -0.09 -11.50 -23.12
N TYR C 111 -1.12 -10.79 -23.55
CA TYR C 111 -2.22 -11.40 -24.27
C TYR C 111 -2.66 -10.36 -25.31
N PRO C 112 -2.34 -10.60 -26.60
CA PRO C 112 -2.75 -9.64 -27.62
C PRO C 112 -4.27 -9.72 -27.81
N TYR C 113 -4.92 -8.59 -28.00
CA TYR C 113 -6.36 -8.57 -28.17
C TYR C 113 -6.75 -9.47 -29.33
N ARG C 114 -7.72 -10.35 -29.14
CA ARG C 114 -8.14 -11.27 -30.21
C ARG C 114 -8.95 -10.51 -31.26
N ASP C 115 -8.98 -11.03 -32.49
CA ASP C 115 -9.62 -10.34 -33.61
C ASP C 115 -11.11 -10.13 -33.37
N GLY C 116 -11.54 -8.86 -33.57
CA GLY C 116 -12.90 -8.41 -33.31
C GLY C 116 -13.26 -8.42 -31.84
N LEU C 117 -12.24 -8.37 -30.99
CA LEU C 117 -12.40 -8.44 -29.54
C LEU C 117 -11.45 -7.50 -28.79
N PRO C 118 -11.38 -6.21 -29.21
CA PRO C 118 -10.51 -5.21 -28.60
C PRO C 118 -11.23 -4.41 -27.47
N PRO C 119 -10.56 -3.45 -26.82
CA PRO C 119 -11.26 -2.63 -25.83
C PRO C 119 -12.03 -1.50 -26.54
N PRO C 120 -13.02 -0.85 -25.88
CA PRO C 120 -13.22 -0.57 -24.46
C PRO C 120 -13.75 -1.69 -23.60
N VAL C 121 -13.30 -1.70 -22.34
CA VAL C 121 -13.90 -2.45 -21.24
C VAL C 121 -14.97 -1.56 -20.61
N THR C 122 -15.98 -2.18 -20.01
CA THR C 122 -17.07 -1.46 -19.39
C THR C 122 -17.49 -2.18 -18.12
N LYS C 123 -17.02 -3.42 -17.94
CA LYS C 123 -17.36 -4.18 -16.75
C LYS C 123 -16.29 -5.21 -16.43
N PHE C 124 -15.99 -5.30 -15.15
CA PHE C 124 -14.94 -6.16 -14.64
C PHE C 124 -15.67 -6.91 -13.57
N GLN C 125 -15.59 -8.24 -13.62
CA GLN C 125 -16.43 -9.07 -12.79
C GLN C 125 -15.69 -10.19 -12.10
N TYR C 126 -16.01 -10.38 -10.82
CA TYR C 126 -15.42 -11.43 -10.00
C TYR C 126 -16.47 -12.47 -9.72
N VAL C 127 -16.17 -13.71 -10.10
CA VAL C 127 -17.08 -14.83 -9.92
C VAL C 127 -16.36 -15.97 -9.21
N PHE C 128 -16.62 -16.13 -7.93
CA PHE C 128 -16.20 -17.36 -7.26
C PHE C 128 -17.22 -18.48 -7.47
N GLN C 129 -16.76 -19.61 -8.00
CA GLN C 129 -17.61 -20.80 -8.18
C GLN C 129 -17.01 -21.96 -7.44
N ASP C 130 -17.70 -22.39 -6.39
CA ASP C 130 -17.16 -23.36 -5.43
C ASP C 130 -17.15 -24.76 -6.05
N GLN C 131 -16.43 -25.68 -5.42
CA GLN C 131 -16.46 -27.11 -5.70
C GLN C 131 -16.03 -27.78 -4.40
N GLY C 132 -16.98 -27.90 -3.47
CA GLY C 132 -16.76 -28.49 -2.15
C GLY C 132 -15.51 -28.02 -1.41
N ALA C 133 -15.18 -26.73 -1.55
CA ALA C 133 -14.03 -26.14 -0.86
C ALA C 133 -14.21 -26.15 0.65
N SER C 134 -13.09 -26.26 1.35
CA SER C 134 -13.05 -26.12 2.79
C SER C 134 -13.02 -24.61 3.16
N GLU C 135 -11.99 -23.92 2.68
CA GLU C 135 -11.84 -22.47 2.83
C GLU C 135 -12.40 -21.76 1.60
N THR C 136 -13.47 -21.00 1.80
CA THR C 136 -14.21 -20.36 0.72
C THR C 136 -13.55 -19.00 0.35
N ALA C 137 -13.50 -18.65 -0.95
CA ALA C 137 -12.92 -17.36 -1.39
C ALA C 137 -13.72 -16.18 -0.91
N GLN C 138 -13.01 -15.10 -0.56
CA GLN C 138 -13.64 -13.87 -0.04
C GLN C 138 -13.05 -12.69 -0.80
N LEU C 139 -13.92 -11.89 -1.40
CA LEU C 139 -13.49 -10.73 -2.18
C LEU C 139 -13.12 -9.62 -1.22
N GLU C 140 -12.04 -8.89 -1.52
CA GLU C 140 -11.60 -7.77 -0.66
C GLU C 140 -11.81 -6.37 -1.25
N SER C 141 -11.47 -6.21 -2.53
CA SER C 141 -11.62 -4.97 -3.28
C SER C 141 -11.64 -5.17 -4.82
N LEU C 142 -12.22 -4.20 -5.51
CA LEU C 142 -12.14 -4.05 -6.97
C LEU C 142 -11.76 -2.60 -7.20
N SER C 143 -10.89 -2.35 -8.19
CA SER C 143 -10.32 -1.03 -8.45
C SER C 143 -10.14 -0.74 -9.92
N ALA C 144 -10.40 0.50 -10.32
CA ALA C 144 -10.11 0.96 -11.67
C ALA C 144 -8.87 1.87 -11.66
N TYR C 145 -8.09 1.86 -12.75
CA TYR C 145 -6.85 2.62 -12.78
C TYR C 145 -6.72 3.52 -13.98
N TYR C 146 -6.41 4.78 -13.70
CA TYR C 146 -6.33 5.86 -14.69
C TYR C 146 -4.94 6.45 -14.76
N PRO D 3 22.81 -10.94 -0.41
CA PRO D 3 21.98 -12.00 0.19
C PRO D 3 21.85 -11.95 1.74
N ILE D 4 22.42 -10.91 2.36
CA ILE D 4 22.21 -10.65 3.81
C ILE D 4 22.09 -9.16 4.10
N GLN D 5 21.03 -8.77 4.83
CA GLN D 5 20.73 -7.36 5.13
C GLN D 5 20.05 -7.18 6.49
N SER D 6 20.19 -6.01 7.09
CA SER D 6 19.62 -5.80 8.43
C SER D 6 19.20 -4.37 8.73
N ILE D 7 18.37 -4.22 9.76
CA ILE D 7 18.05 -2.92 10.36
C ILE D 7 18.21 -2.99 11.91
N LYS D 8 19.18 -2.25 12.42
CA LYS D 8 19.34 -2.01 13.87
C LYS D 8 18.35 -0.94 14.35
N VAL D 9 17.71 -1.19 15.49
CA VAL D 9 16.84 -0.16 16.09
C VAL D 9 17.18 0.07 17.55
N ASP D 10 16.82 1.24 18.07
CA ASP D 10 16.84 1.49 19.52
C ASP D 10 15.94 0.44 20.14
N PRO D 11 16.29 -0.08 21.34
CA PRO D 11 15.56 -1.20 21.95
C PRO D 11 14.02 -1.08 21.85
N MET D 12 13.41 -2.12 21.28
CA MET D 12 12.03 -2.08 20.80
C MET D 12 11.18 -3.07 21.56
N LYS D 13 10.22 -2.57 22.33
CA LYS D 13 9.40 -3.41 23.20
C LYS D 13 7.96 -3.53 22.70
N SER D 14 7.64 -2.81 21.64
CA SER D 14 6.32 -2.88 21.03
C SER D 14 6.43 -2.43 19.57
N GLY D 15 5.31 -2.46 18.87
CA GLY D 15 5.34 -2.29 17.43
C GLY D 15 5.50 -3.61 16.71
N GLY D 16 6.13 -3.54 15.53
CA GLY D 16 6.32 -4.71 14.68
C GLY D 16 7.45 -4.47 13.71
N LEU D 17 7.88 -5.53 13.05
CA LEU D 17 8.93 -5.46 12.04
C LEU D 17 8.41 -6.13 10.77
N GLY D 18 8.84 -5.65 9.62
CA GLY D 18 8.22 -6.09 8.37
C GLY D 18 9.25 -6.24 7.29
N VAL D 19 9.02 -7.21 6.41
CA VAL D 19 9.94 -7.47 5.30
C VAL D 19 9.19 -7.86 4.02
N VAL D 20 9.72 -7.45 2.87
CA VAL D 20 9.19 -7.88 1.58
C VAL D 20 10.35 -8.45 0.80
N TYR D 21 10.15 -9.66 0.27
CA TYR D 21 11.13 -10.29 -0.61
C TYR D 21 10.46 -11.01 -1.79
N ARG D 22 11.23 -11.21 -2.87
CA ARG D 22 10.76 -12.09 -3.94
C ARG D 22 11.34 -13.48 -3.76
N SER D 23 10.46 -14.45 -3.61
CA SER D 23 10.83 -15.79 -3.17
C SER D 23 11.72 -16.55 -4.18
N PRO D 24 12.48 -17.55 -3.71
CA PRO D 24 13.20 -18.44 -4.63
C PRO D 24 12.48 -19.78 -4.85
N ASP D 25 12.83 -20.49 -5.91
CA ASP D 25 12.26 -21.83 -6.09
C ASP D 25 13.06 -22.93 -5.39
N LYS D 26 14.31 -22.64 -5.04
CA LYS D 26 15.10 -23.52 -4.18
C LYS D 26 15.76 -22.71 -3.08
N GLY D 27 16.39 -23.35 -2.12
CA GLY D 27 17.03 -22.61 -1.01
C GLY D 27 16.08 -22.21 0.11
N ARG D 28 16.63 -21.62 1.18
CA ARG D 28 15.82 -21.10 2.27
C ARG D 28 16.01 -19.60 2.40
N VAL D 29 14.94 -18.91 2.79
CA VAL D 29 15.00 -17.51 3.21
C VAL D 29 14.61 -17.46 4.69
N SER D 30 15.48 -16.89 5.52
CA SER D 30 15.23 -16.85 6.97
C SER D 30 15.39 -15.46 7.60
N LEU D 31 14.64 -15.21 8.68
CA LEU D 31 14.59 -13.91 9.37
C LEU D 31 15.00 -14.03 10.82
N TYR D 32 15.81 -13.09 11.29
CA TYR D 32 16.38 -13.17 12.64
C TYR D 32 16.11 -11.91 13.46
N LEU D 33 15.48 -12.10 14.61
CA LEU D 33 15.29 -11.01 15.52
C LEU D 33 16.30 -11.18 16.66
N TYR D 34 17.37 -10.39 16.63
CA TYR D 34 18.40 -10.42 17.68
C TYR D 34 18.16 -9.32 18.73
N ASN D 35 18.57 -9.58 19.96
CA ASN D 35 18.70 -8.52 20.96
C ASN D 35 20.14 -8.02 21.00
N ASP D 36 20.37 -6.97 21.78
CA ASP D 36 21.69 -6.41 21.95
C ASP D 36 22.75 -7.45 22.32
N GLY D 37 22.38 -8.44 23.14
CA GLY D 37 23.29 -9.50 23.54
C GLY D 37 23.58 -10.52 22.44
N GLU D 38 23.03 -10.28 21.25
CA GLU D 38 23.11 -11.20 20.11
C GLU D 38 22.39 -12.55 20.31
N ASP D 39 21.34 -12.54 21.13
CA ASP D 39 20.46 -13.68 21.30
C ASP D 39 19.52 -13.71 20.11
N ILE D 40 19.21 -14.90 19.62
CA ILE D 40 18.14 -15.08 18.63
C ILE D 40 16.82 -15.20 19.38
N LEU D 41 16.07 -14.10 19.41
CA LEU D 41 14.74 -14.07 20.01
C LEU D 41 13.74 -14.79 19.13
N LEU D 42 14.06 -14.93 17.85
CA LEU D 42 13.20 -15.64 16.92
C LEU D 42 13.95 -15.82 15.63
N VAL D 43 13.80 -17.00 15.04
CA VAL D 43 14.10 -17.24 13.65
C VAL D 43 12.77 -17.60 12.98
N VAL D 44 12.50 -16.99 11.82
CA VAL D 44 11.41 -17.40 10.98
C VAL D 44 12.01 -17.87 9.65
N ASP D 45 12.03 -19.20 9.48
CA ASP D 45 12.86 -19.89 8.47
C ASP D 45 12.05 -20.58 7.35
N ALA D 46 11.80 -19.84 6.26
CA ALA D 46 11.07 -20.38 5.11
C ALA D 46 11.98 -21.23 4.22
N ARG D 47 11.69 -22.52 4.15
CA ARG D 47 12.57 -23.50 3.47
C ARG D 47 11.96 -24.01 2.17
N PHE D 48 12.18 -23.27 1.09
CA PHE D 48 11.53 -23.57 -0.21
C PHE D 48 11.92 -24.95 -0.78
N ASP D 49 13.22 -25.18 -0.95
CA ASP D 49 13.82 -26.50 -1.12
C ASP D 49 15.22 -26.41 -0.52
N TRP D 50 15.42 -27.11 0.58
CA TRP D 50 16.59 -26.93 1.42
C TRP D 50 16.93 -28.16 2.24
N ARG D 51 18.11 -28.72 1.96
CA ARG D 51 18.57 -29.92 2.64
C ARG D 51 17.43 -30.88 2.89
N GLY D 52 16.77 -31.28 1.80
CA GLY D 52 15.77 -32.34 1.84
C GLY D 52 14.45 -32.03 2.51
N GLU D 53 14.10 -30.74 2.54
CA GLU D 53 12.79 -30.32 3.01
C GLU D 53 12.23 -29.32 2.02
N GLN D 54 11.00 -29.58 1.57
CA GLN D 54 10.35 -28.73 0.56
C GLN D 54 9.14 -28.07 1.20
N ASN D 55 9.09 -26.74 1.08
CA ASN D 55 7.96 -25.94 1.56
C ASN D 55 7.54 -26.13 3.03
N VAL D 56 8.54 -26.06 3.93
CA VAL D 56 8.33 -26.18 5.38
C VAL D 56 8.75 -24.89 6.09
N LEU D 57 7.91 -24.40 7.00
CA LEU D 57 8.25 -23.23 7.81
C LEU D 57 8.61 -23.68 9.24
N VAL D 58 9.72 -23.16 9.75
CA VAL D 58 10.21 -23.51 11.08
C VAL D 58 10.49 -22.22 11.85
N LEU D 59 9.93 -22.12 13.05
CA LEU D 59 10.30 -21.04 13.96
C LEU D 59 11.07 -21.65 15.11
N ASN D 60 11.88 -20.82 15.78
CA ASN D 60 12.63 -21.24 16.97
C ASN D 60 13.36 -20.05 17.62
N SER D 61 13.88 -20.28 18.81
CA SER D 61 14.80 -19.34 19.49
C SER D 61 16.03 -20.10 19.95
N LYS D 62 17.04 -19.40 20.45
CA LYS D 62 18.31 -20.05 20.82
C LYS D 62 19.33 -19.05 21.32
N PHE D 63 19.53 -18.99 22.64
CA PHE D 63 20.59 -18.18 23.28
C PHE D 63 21.89 -18.13 22.46
N ALA D 64 22.54 -16.96 22.48
CA ALA D 64 23.83 -16.75 21.80
C ALA D 64 24.83 -17.83 22.24
N GLY D 65 25.07 -18.80 21.35
CA GLY D 65 25.93 -19.91 21.70
C GLY D 65 25.16 -21.20 21.90
N GLY D 66 24.38 -21.27 22.98
CA GLY D 66 23.54 -22.43 23.35
C GLY D 66 22.86 -23.17 22.20
N GLU D 67 22.12 -24.22 22.53
CA GLU D 67 21.40 -24.99 21.50
C GLU D 67 20.01 -24.43 21.21
N TRP D 68 19.37 -24.95 20.15
CA TRP D 68 17.96 -24.66 19.86
C TRP D 68 17.03 -25.35 20.83
N GLY D 69 15.80 -24.85 20.94
CA GLY D 69 14.73 -25.47 21.73
C GLY D 69 13.74 -26.14 20.81
N PRO D 70 12.50 -26.39 21.27
CA PRO D 70 11.47 -26.97 20.40
C PRO D 70 11.26 -26.21 19.08
N GLU D 71 11.45 -26.90 17.96
CA GLU D 71 11.05 -26.43 16.63
C GLU D 71 9.55 -26.20 16.57
N VAL D 72 9.11 -25.30 15.68
CA VAL D 72 7.66 -25.09 15.46
C VAL D 72 7.37 -24.94 13.96
N ARG D 73 6.39 -25.69 13.47
CA ARG D 73 6.13 -25.84 12.03
C ARG D 73 4.66 -25.58 11.72
N PRO D 74 4.29 -24.32 11.55
CA PRO D 74 2.87 -24.10 11.35
C PRO D 74 2.45 -24.19 9.89
N GLU D 75 1.26 -24.72 9.68
CA GLU D 75 0.60 -24.62 8.39
C GLU D 75 0.23 -23.18 8.08
N GLY D 76 0.09 -22.86 6.81
CA GLY D 76 -0.45 -21.58 6.41
C GLY D 76 0.44 -20.79 5.49
N PHE D 77 1.75 -21.04 5.55
CA PHE D 77 2.70 -20.16 4.88
C PHE D 77 2.60 -20.21 3.34
N PRO D 78 2.48 -19.04 2.72
CA PRO D 78 2.17 -18.95 1.28
C PRO D 78 3.31 -19.31 0.32
N PHE D 79 3.82 -20.55 0.42
CA PHE D 79 4.76 -21.11 -0.56
C PHE D 79 4.00 -21.35 -1.86
N PRO D 80 4.60 -21.00 -3.02
CA PRO D 80 3.88 -21.25 -4.29
C PRO D 80 4.07 -22.67 -4.84
N CYS D 81 3.10 -23.12 -5.63
CA CYS D 81 3.14 -24.43 -6.25
C CYS D 81 4.21 -24.48 -7.34
N CYS D 82 4.52 -25.71 -7.75
CA CYS D 82 5.05 -26.05 -9.08
C CYS D 82 6.37 -25.39 -9.39
N GLY D 83 7.09 -24.98 -8.36
CA GLY D 83 8.35 -24.31 -8.54
C GLY D 83 8.28 -22.91 -9.12
N TYR D 84 7.08 -22.32 -9.12
CA TYR D 84 6.91 -20.88 -9.36
C TYR D 84 7.41 -20.11 -8.14
N VAL D 85 7.74 -18.84 -8.35
CA VAL D 85 8.07 -17.89 -7.28
C VAL D 85 7.02 -16.79 -7.33
N THR D 86 7.01 -15.92 -6.32
CA THR D 86 6.19 -14.69 -6.29
C THR D 86 6.69 -13.70 -5.24
N THR D 87 6.14 -12.49 -5.22
CA THR D 87 6.42 -11.49 -4.18
C THR D 87 5.75 -11.94 -2.87
N ILE D 88 6.43 -11.77 -1.72
CA ILE D 88 5.92 -12.20 -0.39
C ILE D 88 6.11 -11.12 0.68
N THR D 89 5.11 -10.92 1.55
CA THR D 89 5.15 -9.88 2.56
C THR D 89 4.94 -10.50 3.92
N VAL D 90 5.90 -10.32 4.81
CA VAL D 90 5.83 -10.91 6.13
C VAL D 90 5.92 -9.82 7.22
N ARG D 91 5.28 -10.09 8.35
CA ARG D 91 5.07 -9.12 9.39
C ARG D 91 5.21 -9.82 10.72
N VAL D 92 5.99 -9.23 11.62
CA VAL D 92 6.21 -9.81 12.94
C VAL D 92 5.96 -8.72 13.96
N GLU D 93 4.96 -8.93 14.80
CA GLU D 93 4.51 -7.96 15.77
C GLU D 93 5.01 -8.35 17.18
N ILE D 94 5.43 -7.36 17.97
CA ILE D 94 6.01 -7.59 19.28
C ILE D 94 4.97 -7.34 20.35
N GLY D 95 4.15 -8.34 20.66
CA GLY D 95 3.14 -8.22 21.72
C GLY D 95 3.72 -8.22 23.13
N ALA D 96 2.83 -8.30 24.13
CA ALA D 96 3.22 -8.25 25.54
C ALA D 96 3.74 -9.58 26.09
N ASP D 97 3.15 -10.70 25.65
CA ASP D 97 3.57 -12.04 26.05
C ASP D 97 3.95 -12.94 24.85
N GLY D 98 4.01 -12.37 23.64
CA GLY D 98 4.45 -13.14 22.47
C GLY D 98 4.59 -12.36 21.17
N PHE D 99 4.92 -13.10 20.12
CA PHE D 99 5.09 -12.55 18.78
C PHE D 99 3.91 -12.96 17.93
N THR D 100 3.36 -12.05 17.16
CA THR D 100 2.38 -12.49 16.18
C THR D 100 2.96 -12.45 14.79
N LEU D 101 3.03 -13.61 14.16
CA LEU D 101 3.53 -13.67 12.81
C LEU D 101 2.42 -13.74 11.73
N SER D 102 2.56 -12.87 10.72
CA SER D 102 1.60 -12.72 9.61
C SER D 102 2.37 -12.78 8.30
N ALA D 103 1.73 -13.35 7.27
CA ALA D 103 2.25 -13.30 5.91
C ALA D 103 1.11 -13.04 4.93
N ASN D 104 1.26 -12.01 4.10
CA ASN D 104 0.23 -11.57 3.16
C ASN D 104 -1.11 -11.19 3.80
N GLY D 105 -1.01 -10.46 4.92
CA GLY D 105 -2.17 -9.99 5.69
C GLY D 105 -2.97 -11.08 6.37
N ILE D 106 -2.40 -12.26 6.48
CA ILE D 106 -3.06 -13.40 7.16
C ILE D 106 -2.19 -13.88 8.31
N GLU D 107 -2.81 -14.09 9.46
CA GLU D 107 -2.08 -14.48 10.66
C GLU D 107 -1.64 -15.93 10.59
N ILE D 108 -0.34 -16.17 10.74
CA ILE D 108 0.19 -17.54 10.70
C ILE D 108 0.30 -18.22 12.10
N VAL D 109 0.90 -17.54 13.09
CA VAL D 109 1.11 -18.09 14.44
C VAL D 109 1.32 -16.99 15.47
N LYS D 110 0.69 -17.15 16.63
CA LYS D 110 1.14 -16.51 17.86
C LYS D 110 2.30 -17.34 18.39
N TYR D 111 3.45 -16.74 18.64
CA TYR D 111 4.60 -17.46 19.15
C TYR D 111 4.94 -16.85 20.50
N PRO D 112 4.56 -17.55 21.60
CA PRO D 112 4.80 -16.93 22.91
C PRO D 112 6.30 -16.85 23.19
N TYR D 113 6.71 -15.77 23.85
CA TYR D 113 8.14 -15.52 24.08
C TYR D 113 8.74 -16.69 24.80
N ARG D 114 9.92 -17.11 24.36
CA ARG D 114 10.67 -18.11 25.09
C ARG D 114 11.24 -17.36 26.31
N ASP D 115 11.36 -18.07 27.42
CA ASP D 115 11.66 -17.44 28.71
C ASP D 115 13.15 -17.12 28.87
N GLY D 116 13.45 -16.03 29.58
CA GLY D 116 14.82 -15.52 29.69
C GLY D 116 15.27 -14.98 28.34
N LEU D 117 14.32 -14.89 27.41
CA LEU D 117 14.53 -14.47 26.03
C LEU D 117 13.38 -13.57 25.54
N PRO D 118 13.04 -12.51 26.32
CA PRO D 118 11.97 -11.59 25.93
C PRO D 118 12.50 -10.37 25.16
N PRO D 119 11.61 -9.46 24.69
CA PRO D 119 12.10 -8.17 24.14
C PRO D 119 13.01 -7.46 25.16
N PRO D 120 13.74 -6.39 24.78
CA PRO D 120 13.76 -5.62 23.53
C PRO D 120 14.45 -6.29 22.33
N VAL D 121 14.18 -5.77 21.14
CA VAL D 121 14.72 -6.27 19.87
C VAL D 121 15.54 -5.14 19.25
N THR D 122 16.76 -5.42 18.82
CA THR D 122 17.65 -4.36 18.34
C THR D 122 18.24 -4.67 16.97
N LYS D 123 17.80 -5.77 16.38
CA LYS D 123 18.33 -6.19 15.08
C LYS D 123 17.39 -7.20 14.46
N PHE D 124 17.02 -6.94 13.21
CA PHE D 124 16.11 -7.78 12.42
C PHE D 124 16.85 -7.97 11.13
N GLN D 125 16.91 -9.20 10.64
CA GLN D 125 17.85 -9.54 9.59
C GLN D 125 17.36 -10.63 8.64
N TYR D 126 17.52 -10.36 7.34
CA TYR D 126 17.18 -11.28 6.24
C TYR D 126 18.43 -12.02 5.82
N VAL D 127 18.31 -13.33 5.62
CA VAL D 127 19.41 -14.14 5.09
C VAL D 127 18.87 -15.05 4.00
N PHE D 128 19.37 -14.90 2.78
CA PHE D 128 19.13 -15.92 1.77
C PHE D 128 20.32 -16.88 1.60
N GLN D 129 20.07 -18.16 1.79
CA GLN D 129 21.10 -19.17 1.57
C GLN D 129 20.62 -20.04 0.44
N ASP D 130 21.45 -20.18 -0.58
CA ASP D 130 21.02 -20.85 -1.81
C ASP D 130 21.37 -22.34 -1.83
N GLN D 131 20.57 -23.10 -2.56
CA GLN D 131 20.82 -24.52 -2.89
C GLN D 131 20.46 -24.79 -4.37
N GLY D 132 21.29 -24.23 -5.27
CA GLY D 132 21.11 -24.33 -6.73
C GLY D 132 19.77 -23.87 -7.31
N ALA D 133 19.26 -22.72 -6.85
CA ALA D 133 18.01 -22.16 -7.38
C ALA D 133 18.16 -21.59 -8.80
N SER D 134 17.11 -21.74 -9.60
CA SER D 134 17.09 -21.16 -10.95
C SER D 134 16.55 -19.74 -10.89
N GLU D 135 15.45 -19.54 -10.15
CA GLU D 135 14.95 -18.20 -9.77
C GLU D 135 15.36 -17.95 -8.32
N THR D 136 16.19 -16.95 -8.12
CA THR D 136 16.88 -16.74 -6.83
C THR D 136 16.22 -15.59 -6.04
N ALA D 137 16.26 -15.67 -4.71
CA ALA D 137 15.55 -14.69 -3.87
C ALA D 137 16.08 -13.29 -4.03
N GLN D 138 15.26 -12.30 -3.66
CA GLN D 138 15.60 -10.90 -3.77
C GLN D 138 14.90 -10.07 -2.74
N LEU D 139 15.67 -9.25 -2.04
CA LEU D 139 15.10 -8.50 -0.95
C LEU D 139 14.52 -7.21 -1.49
N GLU D 140 13.34 -6.84 -1.01
CA GLU D 140 12.68 -5.64 -1.51
C GLU D 140 12.59 -4.47 -0.50
N SER D 141 12.33 -4.79 0.78
CA SER D 141 12.29 -3.83 1.89
C SER D 141 12.46 -4.47 3.28
N LEU D 142 12.88 -3.66 4.27
CA LEU D 142 12.88 -3.99 5.72
C LEU D 142 12.30 -2.83 6.50
N SER D 143 11.32 -3.05 7.38
CA SER D 143 10.65 -1.95 8.09
C SER D 143 10.52 -2.11 9.60
N ALA D 144 10.63 -0.99 10.31
CA ALA D 144 10.38 -0.93 11.71
C ALA D 144 9.06 -0.22 11.91
N TYR D 145 8.16 -0.77 12.73
CA TYR D 145 6.85 -0.17 12.99
C TYR D 145 6.72 0.23 14.44
N TYR D 146 6.17 1.43 14.67
CA TYR D 146 6.10 2.04 16.00
C TYR D 146 4.67 2.22 16.48
#